data_1Z4O
#
_entry.id   1Z4O
#
_cell.length_a   55.069
_cell.length_b   36.351
_cell.length_c   104.883
_cell.angle_alpha   90.00
_cell.angle_beta   101.77
_cell.angle_gamma   90.00
#
_symmetry.space_group_name_H-M   'P 1 21 1'
#
loop_
_entity.id
_entity.type
_entity.pdbx_description
1 polymer Beta-phosphoglucomutase
2 non-polymer 'MAGNESIUM ION'
3 non-polymer 1-O-phosphono-alpha-D-galactopyranose
4 water water
#
_entity_poly.entity_id   1
_entity_poly.type   'polypeptide(L)'
_entity_poly.pdbx_seq_one_letter_code
;MFKAVLFDLDGVITDTAEYHFRAWKALAEEIGINGVDRQFNEQLKGVSREDSLQKILDLADKKVSAEEFKELAKRKNDNY
VKMIQDVSPADVYPGILQLLKDLRSNKIKIALASASKNGPFLLERMNLTGYFDAIADPAEVAASKPAPDIFIAAAHAVGV
APSESIGLEDSQAGIQAIKDSGALPIGVGRPEDLGDDIVIVPDTSHYTLEFLKEVWLQKQK
;
_entity_poly.pdbx_strand_id   A,B
#
loop_
_chem_comp.id
_chem_comp.type
_chem_comp.name
_chem_comp.formula
GL1 D-saccharide 1-O-phosphono-alpha-D-galactopyranose 'C6 H13 O9 P'
MG non-polymer 'MAGNESIUM ION' 'Mg 2'
#
# COMPACT_ATOMS: atom_id res chain seq x y z
N MET A 1 5.26 14.46 10.55
CA MET A 1 5.50 13.00 10.43
C MET A 1 4.74 12.29 9.28
N PHE A 2 3.74 12.94 8.67
CA PHE A 2 3.09 12.29 7.51
C PHE A 2 4.06 12.53 6.37
N LYS A 3 4.16 11.58 5.46
CA LYS A 3 5.09 11.68 4.34
C LYS A 3 4.42 11.97 2.98
N ALA A 4 3.09 12.03 2.95
CA ALA A 4 2.36 12.28 1.71
C ALA A 4 0.98 12.87 1.91
N VAL A 5 0.50 13.58 0.89
CA VAL A 5 -0.88 14.08 0.89
C VAL A 5 -1.45 13.57 -0.46
N LEU A 6 -2.60 12.89 -0.39
CA LEU A 6 -3.28 12.32 -1.54
C LEU A 6 -4.51 13.18 -1.80
N PHE A 7 -4.41 13.93 -2.88
CA PHE A 7 -5.45 14.86 -3.29
C PHE A 7 -6.49 14.28 -4.23
N ASP A 8 -7.75 14.50 -3.87
CA ASP A 8 -8.81 14.17 -4.82
C ASP A 8 -8.74 15.43 -5.71
N LEU A 9 -9.33 15.38 -6.91
CA LEU A 9 -9.30 16.53 -7.79
C LEU A 9 -10.62 17.32 -7.75
N ASP A 10 -11.68 16.74 -8.30
CA ASP A 10 -13.00 17.42 -8.49
C ASP A 10 -13.65 17.78 -7.19
N GLY A 11 -13.88 19.06 -7.00
CA GLY A 11 -14.43 19.50 -5.71
C GLY A 11 -13.41 19.80 -4.60
N VAL A 12 -12.12 19.49 -4.80
CA VAL A 12 -11.05 19.77 -3.82
C VAL A 12 -10.04 20.77 -4.40
N ILE A 13 -9.48 20.43 -5.56
CA ILE A 13 -8.53 21.33 -6.23
C ILE A 13 -9.22 22.48 -6.97
N THR A 14 -10.40 22.20 -7.53
CA THR A 14 -11.20 23.19 -8.27
C THR A 14 -12.68 22.76 -8.29
N ASP A 15 -13.55 23.66 -8.76
CA ASP A 15 -15.00 23.44 -8.77
C ASP A 15 -15.53 22.54 -9.95
N THR A 16 -14.80 21.46 -10.28
CA THR A 16 -15.21 20.59 -11.36
C THR A 16 -16.27 19.54 -11.09
N ALA A 17 -16.51 19.22 -9.81
CA ALA A 17 -17.59 18.28 -9.43
C ALA A 17 -18.92 18.89 -9.85
N GLU A 18 -18.96 20.22 -9.87
CA GLU A 18 -20.20 20.95 -10.25
C GLU A 18 -20.49 20.73 -11.74
N TYR A 19 -19.46 20.82 -12.60
CA TYR A 19 -19.70 20.62 -14.04
C TYR A 19 -20.06 19.14 -14.35
N HIS A 20 -19.41 18.18 -13.66
CA HIS A 20 -19.73 16.76 -13.82
C HIS A 20 -21.21 16.53 -13.50
N PHE A 21 -21.68 17.12 -12.41
CA PHE A 21 -23.09 17.00 -12.00
C PHE A 21 -24.00 17.55 -13.13
N ARG A 22 -23.71 18.75 -13.62
CA ARG A 22 -24.51 19.35 -14.70
C ARG A 22 -24.63 18.50 -15.98
N ALA A 23 -23.49 17.92 -16.38
CA ALA A 23 -23.44 17.07 -17.55
C ALA A 23 -24.19 15.76 -17.29
N TRP A 24 -24.02 15.15 -16.11
CA TRP A 24 -24.77 13.93 -15.84
C TRP A 24 -26.25 14.17 -15.78
N LYS A 25 -26.64 15.32 -15.19
CA LYS A 25 -28.09 15.66 -15.12
C LYS A 25 -28.65 15.83 -16.53
N ALA A 26 -27.88 16.51 -17.38
CA ALA A 26 -28.28 16.73 -18.79
C ALA A 26 -28.46 15.39 -19.55
N LEU A 27 -27.51 14.48 -19.34
CA LEU A 27 -27.53 13.14 -19.95
C LEU A 27 -28.74 12.36 -19.48
N ALA A 28 -28.95 12.33 -18.16
CA ALA A 28 -30.07 11.64 -17.56
C ALA A 28 -31.41 12.13 -18.14
N GLU A 29 -31.56 13.45 -18.17
CA GLU A 29 -32.79 14.04 -18.69
C GLU A 29 -33.08 13.70 -20.13
N GLU A 30 -32.03 13.54 -20.93
CA GLU A 30 -32.17 13.17 -22.34
C GLU A 30 -32.79 11.79 -22.50
N ILE A 31 -32.45 10.87 -21.61
CA ILE A 31 -32.99 9.52 -21.66
C ILE A 31 -34.22 9.31 -20.79
N GLY A 32 -34.82 10.41 -20.34
CA GLY A 32 -36.04 10.36 -19.55
C GLY A 32 -35.93 10.09 -18.06
N ILE A 33 -34.74 10.31 -17.50
CA ILE A 33 -34.50 10.09 -16.07
C ILE A 33 -34.37 11.48 -15.42
N ASN A 34 -35.29 11.79 -14.51
CA ASN A 34 -35.27 13.12 -13.88
C ASN A 34 -34.81 13.22 -12.44
N GLY A 35 -34.37 12.11 -11.87
CA GLY A 35 -33.98 12.11 -10.46
C GLY A 35 -32.59 12.59 -10.11
N VAL A 36 -31.79 13.01 -11.10
CA VAL A 36 -30.46 13.49 -10.81
C VAL A 36 -30.48 14.95 -10.38
N ASP A 37 -30.73 15.13 -9.08
CA ASP A 37 -30.76 16.46 -8.46
C ASP A 37 -29.59 16.55 -7.50
N ARG A 38 -29.37 17.69 -6.85
CA ARG A 38 -28.22 17.82 -5.96
C ARG A 38 -28.19 16.83 -4.80
N GLN A 39 -29.38 16.42 -4.33
CA GLN A 39 -29.44 15.45 -3.23
C GLN A 39 -28.90 14.11 -3.73
N PHE A 40 -29.39 13.67 -4.90
CA PHE A 40 -28.93 12.41 -5.46
C PHE A 40 -27.46 12.49 -5.88
N ASN A 41 -27.07 13.66 -6.39
CA ASN A 41 -25.68 13.83 -6.81
C ASN A 41 -24.65 13.54 -5.70
N GLU A 42 -25.03 13.64 -4.41
CA GLU A 42 -24.06 13.31 -3.33
C GLU A 42 -23.59 11.84 -3.44
N GLN A 43 -24.44 11.01 -4.01
CA GLN A 43 -24.12 9.61 -4.27
C GLN A 43 -23.22 9.41 -5.51
N LEU A 44 -23.17 10.40 -6.40
CA LEU A 44 -22.35 10.33 -7.64
C LEU A 44 -21.01 11.01 -7.48
N LYS A 45 -20.89 11.99 -6.57
CA LYS A 45 -19.61 12.71 -6.41
C LYS A 45 -18.45 11.73 -6.19
N GLY A 46 -17.38 11.88 -6.98
CA GLY A 46 -16.19 11.04 -6.86
C GLY A 46 -16.27 9.63 -7.42
N VAL A 47 -17.41 9.27 -8.01
CA VAL A 47 -17.64 7.94 -8.57
C VAL A 47 -17.15 7.93 -10.04
N SER A 48 -16.51 6.83 -10.50
CA SER A 48 -15.99 6.77 -11.89
C SER A 48 -17.13 6.94 -12.92
N ARG A 49 -16.74 7.24 -14.15
CA ARG A 49 -17.70 7.47 -15.24
C ARG A 49 -18.73 6.36 -15.47
N GLU A 50 -18.27 5.13 -15.66
CA GLU A 50 -19.17 3.99 -15.89
C GLU A 50 -20.07 3.64 -14.69
N ASP A 51 -19.51 3.79 -13.49
CA ASP A 51 -20.26 3.48 -12.27
C ASP A 51 -21.33 4.55 -12.05
N SER A 52 -21.02 5.80 -12.46
CA SER A 52 -21.98 6.91 -12.31
C SER A 52 -23.16 6.68 -13.26
N LEU A 53 -22.87 6.28 -14.52
CA LEU A 53 -23.94 6.01 -15.47
C LEU A 53 -24.84 4.88 -14.98
N GLN A 54 -24.22 3.85 -14.42
CA GLN A 54 -24.97 2.71 -13.91
C GLN A 54 -25.88 3.12 -12.73
N LYS A 55 -25.35 3.95 -11.83
CA LYS A 55 -26.11 4.48 -10.71
C LYS A 55 -27.32 5.27 -11.23
N ILE A 56 -27.15 6.02 -12.33
CA ILE A 56 -28.24 6.79 -12.94
C ILE A 56 -29.29 5.87 -13.60
N LEU A 57 -28.84 4.85 -14.30
CA LEU A 57 -29.73 3.89 -14.96
C LEU A 57 -30.56 3.13 -13.93
N ASP A 58 -29.90 2.81 -12.79
CA ASP A 58 -30.53 2.07 -11.69
C ASP A 58 -31.67 2.84 -11.04
N LEU A 59 -31.53 4.17 -10.99
CA LEU A 59 -32.55 5.06 -10.40
C LEU A 59 -33.91 4.85 -11.01
N ALA A 60 -33.92 4.62 -12.32
CA ALA A 60 -35.14 4.42 -13.06
C ALA A 60 -35.38 3.01 -13.51
N ASP A 61 -34.48 2.09 -13.10
CA ASP A 61 -34.53 0.67 -13.51
C ASP A 61 -34.47 0.52 -15.03
N LYS A 62 -33.69 1.39 -15.66
CA LYS A 62 -33.53 1.36 -17.12
C LYS A 62 -32.36 0.46 -17.49
N LYS A 63 -32.50 -0.20 -18.62
CA LYS A 63 -31.48 -1.09 -19.17
C LYS A 63 -31.15 -0.60 -20.58
N VAL A 64 -29.86 -0.58 -20.89
CA VAL A 64 -29.42 -0.18 -22.23
C VAL A 64 -28.44 -1.24 -22.70
N SER A 65 -28.20 -1.26 -24.00
CA SER A 65 -27.24 -2.20 -24.58
C SER A 65 -25.81 -1.80 -24.24
N ALA A 66 -24.86 -2.72 -24.37
CA ALA A 66 -23.44 -2.42 -24.14
C ALA A 66 -23.00 -1.28 -25.09
N GLU A 67 -23.50 -1.31 -26.33
CA GLU A 67 -23.16 -0.24 -27.29
C GLU A 67 -23.81 1.11 -26.96
N GLU A 68 -25.04 1.06 -26.44
CA GLU A 68 -25.69 2.32 -26.08
C GLU A 68 -25.04 2.84 -24.79
N PHE A 69 -24.62 1.93 -23.88
CA PHE A 69 -23.93 2.32 -22.62
C PHE A 69 -22.68 3.14 -22.97
N LYS A 70 -21.87 2.64 -23.91
CA LYS A 70 -20.63 3.34 -24.31
C LYS A 70 -20.94 4.72 -24.96
N GLU A 71 -22.00 4.76 -25.78
CA GLU A 71 -22.43 5.98 -26.48
C GLU A 71 -22.89 7.05 -25.45
N LEU A 72 -23.60 6.61 -24.42
CA LEU A 72 -24.11 7.50 -23.37
C LEU A 72 -22.97 8.12 -22.52
N ALA A 73 -22.04 7.27 -22.10
CA ALA A 73 -20.87 7.70 -21.31
C ALA A 73 -20.02 8.64 -22.16
N LYS A 74 -19.81 8.30 -23.44
CA LYS A 74 -19.04 9.20 -24.33
C LYS A 74 -19.68 10.58 -24.56
N ARG A 75 -21.01 10.60 -24.72
CA ARG A 75 -21.80 11.84 -24.93
C ARG A 75 -21.65 12.74 -23.71
N LYS A 76 -21.81 12.17 -22.53
CA LYS A 76 -21.61 12.93 -21.31
C LYS A 76 -20.18 13.44 -21.20
N ASN A 77 -19.19 12.58 -21.49
CA ASN A 77 -17.82 13.04 -21.40
C ASN A 77 -17.57 14.16 -22.41
N ASP A 78 -18.15 14.04 -23.62
CA ASP A 78 -17.93 15.09 -24.63
C ASP A 78 -18.42 16.48 -24.23
N ASN A 79 -19.55 16.48 -23.52
CA ASN A 79 -20.17 17.68 -22.99
C ASN A 79 -19.27 18.26 -21.88
N TYR A 80 -18.88 17.41 -20.94
CA TYR A 80 -18.03 17.81 -19.81
C TYR A 80 -16.68 18.40 -20.31
N VAL A 81 -16.09 17.72 -21.28
CA VAL A 81 -14.81 18.18 -21.84
C VAL A 81 -14.94 19.55 -22.46
N LYS A 82 -16.10 19.81 -23.07
CA LYS A 82 -16.37 21.12 -23.61
C LYS A 82 -16.47 22.17 -22.52
N MET A 83 -17.15 21.78 -21.44
CA MET A 83 -17.36 22.65 -20.30
C MET A 83 -16.08 23.11 -19.60
N ILE A 84 -15.07 22.24 -19.55
CA ILE A 84 -13.84 22.58 -18.87
C ILE A 84 -12.71 23.16 -19.72
N GLN A 85 -12.95 23.48 -20.99
CA GLN A 85 -11.88 24.03 -21.85
C GLN A 85 -11.30 25.33 -21.32
N ASP A 86 -12.16 26.13 -20.68
CA ASP A 86 -11.76 27.43 -20.15
C ASP A 86 -11.22 27.47 -18.72
N VAL A 87 -11.17 26.33 -18.06
CA VAL A 87 -10.62 26.20 -16.71
C VAL A 87 -9.21 26.76 -16.75
N SER A 88 -8.91 27.66 -15.83
CA SER A 88 -7.62 28.35 -15.80
C SER A 88 -7.01 28.29 -14.39
N PRO A 89 -5.74 28.76 -14.21
CA PRO A 89 -5.15 28.75 -12.86
C PRO A 89 -5.97 29.62 -11.86
N ALA A 90 -6.79 30.55 -12.38
CA ALA A 90 -7.62 31.42 -11.52
C ALA A 90 -8.73 30.60 -10.86
N ASP A 91 -8.97 29.42 -11.44
CA ASP A 91 -9.96 28.48 -10.92
C ASP A 91 -9.49 27.54 -9.86
N VAL A 92 -8.19 27.53 -9.54
CA VAL A 92 -7.67 26.68 -8.45
C VAL A 92 -8.36 27.21 -7.15
N TYR A 93 -8.91 26.30 -6.36
CA TYR A 93 -9.60 26.65 -5.10
C TYR A 93 -8.67 27.36 -4.13
N PRO A 94 -9.20 28.32 -3.33
CA PRO A 94 -8.30 29.01 -2.39
C PRO A 94 -7.48 28.11 -1.48
N GLY A 95 -6.23 28.48 -1.30
CA GLY A 95 -5.32 27.75 -0.43
C GLY A 95 -4.62 26.53 -1.03
N ILE A 96 -5.11 26.03 -2.16
CA ILE A 96 -4.57 24.82 -2.75
C ILE A 96 -3.16 25.01 -3.27
N LEU A 97 -2.94 26.05 -4.07
CA LEU A 97 -1.61 26.31 -4.62
C LEU A 97 -0.59 26.53 -3.48
N GLN A 98 -0.95 27.35 -2.47
CA GLN A 98 -0.01 27.57 -1.35
C GLN A 98 0.27 26.25 -0.60
N LEU A 99 -0.73 25.38 -0.49
CA LEU A 99 -0.53 24.10 0.20
C LEU A 99 0.46 23.25 -0.58
N LEU A 100 0.28 23.21 -1.90
CA LEU A 100 1.17 22.45 -2.79
C LEU A 100 2.64 22.92 -2.64
N LYS A 101 2.85 24.25 -2.61
CA LYS A 101 4.18 24.88 -2.46
C LYS A 101 4.77 24.59 -1.07
N ASP A 102 3.94 24.63 -0.03
CA ASP A 102 4.46 24.35 1.33
C ASP A 102 4.78 22.88 1.52
N LEU A 103 3.99 21.99 0.93
CA LEU A 103 4.25 20.54 1.06
C LEU A 103 5.56 20.22 0.38
N ARG A 104 5.76 20.84 -0.79
CA ARG A 104 7.00 20.71 -1.62
C ARG A 104 8.19 21.18 -0.78
N SER A 105 8.05 22.37 -0.22
CA SER A 105 9.09 22.99 0.63
C SER A 105 9.50 22.13 1.83
N ASN A 106 8.55 21.31 2.30
CA ASN A 106 8.82 20.41 3.43
C ASN A 106 9.06 18.95 3.08
N LYS A 107 9.35 18.70 1.81
CA LYS A 107 9.63 17.39 1.22
C LYS A 107 8.55 16.33 1.43
N ILE A 108 7.29 16.78 1.41
CA ILE A 108 6.16 15.90 1.58
C ILE A 108 5.64 15.59 0.21
N LYS A 109 5.49 14.31 -0.08
CA LYS A 109 5.00 13.87 -1.36
C LYS A 109 3.55 14.31 -1.65
N ILE A 110 3.31 14.59 -2.92
CA ILE A 110 2.03 15.04 -3.41
C ILE A 110 1.51 14.08 -4.49
N ALA A 111 0.33 13.49 -4.30
CA ALA A 111 -0.22 12.56 -5.30
C ALA A 111 -1.68 12.89 -5.60
N LEU A 112 -2.09 12.63 -6.82
CA LEU A 112 -3.47 12.82 -7.24
C LEU A 112 -4.15 11.49 -7.12
N ALA A 113 -5.27 11.48 -6.39
CA ALA A 113 -6.04 10.26 -6.21
C ALA A 113 -7.42 10.54 -6.76
N SER A 114 -7.47 10.65 -8.07
CA SER A 114 -8.74 10.97 -8.75
C SER A 114 -9.18 9.84 -9.62
N ALA A 115 -10.48 9.67 -9.70
CA ALA A 115 -11.11 8.67 -10.55
C ALA A 115 -11.27 9.20 -11.97
N SER A 116 -11.11 10.51 -12.10
CA SER A 116 -11.36 11.19 -13.37
C SER A 116 -10.23 10.97 -14.38
N LYS A 117 -10.65 10.52 -15.58
CA LYS A 117 -9.70 10.28 -16.67
C LYS A 117 -9.33 11.62 -17.29
N ASN A 118 -10.03 12.68 -16.90
CA ASN A 118 -9.74 14.03 -17.37
C ASN A 118 -8.80 14.75 -16.40
N GLY A 119 -8.31 14.02 -15.41
CA GLY A 119 -7.42 14.62 -14.42
C GLY A 119 -6.17 15.33 -14.94
N PRO A 120 -5.34 14.62 -15.74
CA PRO A 120 -4.11 15.20 -16.30
C PRO A 120 -4.38 16.48 -17.08
N PHE A 121 -5.47 16.50 -17.85
CA PHE A 121 -5.83 17.65 -18.63
C PHE A 121 -6.17 18.84 -17.75
N LEU A 122 -6.92 18.56 -16.69
CA LEU A 122 -7.29 19.63 -15.76
C LEU A 122 -6.09 20.17 -15.01
N LEU A 123 -5.14 19.30 -14.63
CA LEU A 123 -3.97 19.81 -13.89
C LEU A 123 -3.13 20.72 -14.80
N GLU A 124 -3.14 20.40 -16.10
CA GLU A 124 -2.43 21.18 -17.12
C GLU A 124 -3.13 22.54 -17.31
N ARG A 125 -4.48 22.54 -17.36
CA ARG A 125 -5.27 23.76 -17.52
C ARG A 125 -4.98 24.71 -16.37
N MET A 126 -4.81 24.12 -15.19
CA MET A 126 -4.55 24.89 -13.96
C MET A 126 -3.08 25.12 -13.64
N ASN A 127 -2.21 24.71 -14.56
CA ASN A 127 -0.74 24.87 -14.38
C ASN A 127 -0.25 24.27 -13.08
N LEU A 128 -0.85 23.14 -12.70
CA LEU A 128 -0.50 22.44 -11.47
C LEU A 128 0.30 21.16 -11.66
N THR A 129 0.44 20.68 -12.92
CA THR A 129 1.13 19.41 -13.21
C THR A 129 2.49 19.22 -12.49
N GLY A 130 3.30 20.27 -12.52
CA GLY A 130 4.63 20.28 -11.91
C GLY A 130 4.67 20.15 -10.39
N TYR A 131 3.56 20.46 -9.70
CA TYR A 131 3.52 20.33 -8.23
C TYR A 131 3.22 18.90 -7.75
N PHE A 132 2.76 18.03 -8.67
CA PHE A 132 2.44 16.63 -8.36
C PHE A 132 3.55 15.65 -8.62
N ASP A 133 3.83 14.80 -7.63
CA ASP A 133 4.87 13.78 -7.73
C ASP A 133 4.35 12.58 -8.50
N ALA A 134 3.04 12.34 -8.43
CA ALA A 134 2.45 11.23 -9.18
C ALA A 134 0.95 11.34 -9.30
N ILE A 135 0.44 10.75 -10.36
CA ILE A 135 -1.00 10.69 -10.59
C ILE A 135 -1.37 9.20 -10.60
N ALA A 136 -2.26 8.79 -9.70
CA ALA A 136 -2.69 7.38 -9.67
C ALA A 136 -3.60 7.16 -10.89
N ASP A 137 -3.18 6.28 -11.79
CA ASP A 137 -3.90 6.00 -13.03
C ASP A 137 -5.25 5.34 -12.75
N PRO A 138 -6.37 6.02 -13.07
CA PRO A 138 -7.74 5.51 -12.85
C PRO A 138 -8.12 4.34 -13.75
N ALA A 139 -7.61 4.38 -14.99
CA ALA A 139 -7.89 3.40 -16.03
C ALA A 139 -7.63 1.94 -15.67
N VAL A 141 -6.88 -0.26 -13.68
CA VAL A 141 -6.05 -0.72 -12.57
C VAL A 141 -6.57 -0.13 -11.23
N ALA A 142 -7.80 0.36 -11.28
CA ALA A 142 -8.46 0.93 -10.11
C ALA A 142 -9.99 0.87 -10.11
N ALA A 143 -10.52 0.34 -9.03
CA ALA A 143 -11.95 0.21 -8.79
C ALA A 143 -12.46 1.58 -8.26
N SER A 144 -13.70 1.90 -8.56
CA SER A 144 -14.31 3.18 -8.18
C SER A 144 -14.51 3.38 -6.68
N LYS A 145 -14.37 4.65 -6.24
CA LYS A 145 -14.61 5.06 -4.85
C LYS A 145 -16.10 4.71 -4.67
N PRO A 146 -16.53 4.26 -3.47
CA PRO A 146 -15.94 4.01 -2.16
C PRO A 146 -14.78 3.02 -1.93
N ALA A 147 -14.44 2.20 -2.93
CA ALA A 147 -13.30 1.27 -2.82
C ALA A 147 -12.05 2.09 -2.51
N PRO A 148 -11.17 1.58 -1.62
CA PRO A 148 -9.95 2.33 -1.28
C PRO A 148 -8.86 2.35 -2.35
N ASP A 149 -9.06 1.55 -3.41
CA ASP A 149 -8.12 1.35 -4.50
C ASP A 149 -7.33 2.56 -5.00
N ILE A 150 -8.05 3.65 -5.31
CA ILE A 150 -7.39 4.84 -5.86
C ILE A 150 -6.43 5.50 -4.87
N PHE A 151 -6.83 5.55 -3.59
CA PHE A 151 -5.97 6.10 -2.53
C PHE A 151 -4.78 5.22 -2.22
N ILE A 152 -4.99 3.90 -2.26
CA ILE A 152 -3.90 2.94 -2.02
C ILE A 152 -2.88 3.11 -3.17
N ALA A 153 -3.40 3.22 -4.41
CA ALA A 153 -2.52 3.39 -5.58
C ALA A 153 -1.76 4.69 -5.55
N ALA A 154 -2.38 5.77 -5.07
CA ALA A 154 -1.69 7.08 -5.02
C ALA A 154 -0.51 7.13 -4.07
N ALA A 155 -0.69 6.51 -2.90
CA ALA A 155 0.32 6.45 -1.84
C ALA A 155 1.55 5.66 -2.30
N HIS A 156 1.29 4.52 -2.91
CA HIS A 156 2.35 3.66 -3.43
C HIS A 156 3.02 4.25 -4.69
N ALA A 157 2.28 5.11 -5.41
CA ALA A 157 2.83 5.76 -6.60
C ALA A 157 3.93 6.75 -6.17
N VAL A 158 3.85 7.19 -4.91
CA VAL A 158 4.87 8.10 -4.35
C VAL A 158 5.80 7.45 -3.31
N GLY A 159 5.75 6.11 -3.26
CA GLY A 159 6.60 5.33 -2.36
C GLY A 159 6.39 5.50 -0.87
N VAL A 160 5.13 5.66 -0.51
CA VAL A 160 4.72 5.87 0.88
C VAL A 160 3.60 4.90 1.18
N ALA A 161 3.43 4.56 2.47
CA ALA A 161 2.32 3.68 2.84
C ALA A 161 1.07 4.57 3.10
N PRO A 162 -0.15 4.04 2.86
CA PRO A 162 -1.35 4.85 3.12
C PRO A 162 -1.39 5.34 4.57
N SER A 163 -0.81 4.54 5.49
CA SER A 163 -0.80 4.90 6.93
C SER A 163 0.10 6.11 7.23
N GLU A 164 0.95 6.48 6.28
CA GLU A 164 1.83 7.62 6.45
C GLU A 164 1.32 8.79 5.62
N SER A 165 0.04 8.76 5.26
CA SER A 165 -0.55 9.77 4.40
C SER A 165 -1.85 10.39 4.90
N ILE A 166 -2.15 11.59 4.38
CA ILE A 166 -3.40 12.28 4.68
C ILE A 166 -4.11 12.35 3.31
N GLY A 167 -5.42 12.12 3.30
CA GLY A 167 -6.20 12.21 2.07
C GLY A 167 -7.16 13.39 2.18
N LEU A 168 -7.35 14.14 1.10
CA LEU A 168 -8.25 15.30 1.08
C LEU A 168 -9.41 15.02 0.14
N GLU A 169 -10.65 15.12 0.65
CA GLU A 169 -11.85 14.79 -0.11
C GLU A 169 -13.07 15.67 0.17
N ASP A 170 -13.97 15.75 -0.83
CA ASP A 170 -15.21 16.53 -0.72
C ASP A 170 -16.42 15.62 -0.82
N SER A 171 -16.21 14.33 -1.09
CA SER A 171 -17.36 13.41 -1.29
C SER A 171 -17.52 12.30 -0.27
N GLN A 172 -18.75 11.77 -0.21
CA GLN A 172 -19.10 10.64 0.67
C GLN A 172 -18.31 9.40 0.25
N ALA A 173 -18.32 9.10 -1.04
CA ALA A 173 -17.57 7.96 -1.58
C ALA A 173 -16.05 8.08 -1.31
N GLY A 174 -15.51 9.28 -1.49
CA GLY A 174 -14.08 9.49 -1.30
C GLY A 174 -13.62 9.40 0.15
N ILE A 175 -14.41 9.96 1.07
CA ILE A 175 -14.10 9.89 2.51
C ILE A 175 -13.99 8.41 2.88
N GLN A 176 -14.98 7.61 2.47
CA GLN A 176 -14.98 6.16 2.75
C GLN A 176 -13.76 5.48 2.17
N ALA A 177 -13.38 5.90 0.96
CA ALA A 177 -12.21 5.33 0.30
C ALA A 177 -10.95 5.60 1.08
N ILE A 178 -10.80 6.81 1.59
CA ILE A 178 -9.62 7.14 2.39
C ILE A 178 -9.59 6.25 3.66
N LYS A 179 -10.72 6.23 4.36
CA LYS A 179 -10.91 5.46 5.59
C LYS A 179 -10.47 4.00 5.45
N ASP A 180 -10.86 3.37 4.34
CA ASP A 180 -10.52 1.96 4.12
C ASP A 180 -9.12 1.77 3.57
N SER A 181 -8.49 2.88 3.13
CA SER A 181 -7.12 2.83 2.61
C SER A 181 -6.08 2.78 3.71
N GLY A 182 -6.44 3.32 4.89
CA GLY A 182 -5.50 3.40 5.99
C GLY A 182 -4.99 4.83 6.13
N ALA A 183 -5.27 5.69 5.16
CA ALA A 183 -4.83 7.09 5.21
C ALA A 183 -5.75 7.94 6.13
N LEU A 184 -5.30 9.12 6.55
CA LEU A 184 -6.13 9.97 7.45
C LEU A 184 -6.94 10.96 6.60
N PRO A 185 -8.29 10.94 6.73
CA PRO A 185 -9.12 11.86 5.96
C PRO A 185 -9.40 13.23 6.57
N ILE A 186 -9.39 14.25 5.72
CA ILE A 186 -9.75 15.60 6.13
C ILE A 186 -10.74 16.06 5.04
N GLY A 187 -12.03 16.10 5.36
CA GLY A 187 -13.03 16.50 4.37
C GLY A 187 -13.21 17.98 4.20
N VAL A 188 -13.74 18.38 3.06
CA VAL A 188 -14.07 19.77 2.78
C VAL A 188 -15.53 19.85 2.35
N GLY A 189 -16.33 20.58 3.13
CA GLY A 189 -17.74 20.74 2.81
C GLY A 189 -18.63 20.77 4.03
N ARG A 190 -19.90 20.45 3.80
CA ARG A 190 -20.90 20.46 4.86
C ARG A 190 -20.90 19.20 5.73
N PRO A 191 -21.02 19.37 7.07
CA PRO A 191 -21.04 18.21 7.96
C PRO A 191 -22.27 17.31 7.67
N GLU A 192 -23.31 17.92 7.12
CA GLU A 192 -24.56 17.21 6.78
C GLU A 192 -24.33 16.23 5.64
N ASP A 193 -23.36 16.53 4.78
CA ASP A 193 -23.09 15.67 3.64
C ASP A 193 -22.01 14.66 3.94
N LEU A 194 -20.95 15.11 4.61
CA LEU A 194 -19.79 14.26 4.86
C LEU A 194 -19.65 13.50 6.18
N GLY A 195 -20.43 13.91 7.18
CA GLY A 195 -20.41 13.23 8.47
C GLY A 195 -19.80 13.99 9.63
N ASP A 196 -19.81 13.36 10.80
CA ASP A 196 -19.29 13.98 12.02
C ASP A 196 -18.13 13.24 12.68
N ASP A 197 -17.74 12.10 12.12
CA ASP A 197 -16.65 11.29 12.67
C ASP A 197 -15.23 11.68 12.25
N ILE A 198 -15.09 12.40 11.13
CA ILE A 198 -13.76 12.86 10.64
C ILE A 198 -13.57 14.36 10.79
N VAL A 199 -12.35 14.82 10.50
CA VAL A 199 -12.03 16.25 10.56
C VAL A 199 -12.56 16.85 9.27
N ILE A 200 -13.37 17.89 9.41
CA ILE A 200 -13.97 18.57 8.28
C ILE A 200 -13.74 20.06 8.32
N VAL A 201 -13.42 20.65 7.16
CA VAL A 201 -13.16 22.07 7.02
C VAL A 201 -14.26 22.65 6.12
N PRO A 202 -14.69 23.92 6.36
CA PRO A 202 -15.74 24.55 5.56
C PRO A 202 -15.39 24.90 4.12
N ASP A 203 -14.13 25.21 3.86
CA ASP A 203 -13.66 25.54 2.50
C ASP A 203 -12.17 25.18 2.46
N THR A 204 -11.61 25.14 1.26
CA THR A 204 -10.22 24.74 1.09
C THR A 204 -9.14 25.70 1.62
N SER A 205 -9.51 26.94 1.95
CA SER A 205 -8.50 27.88 2.50
C SER A 205 -7.96 27.33 3.85
N HIS A 206 -8.75 26.45 4.46
CA HIS A 206 -8.39 25.80 5.72
C HIS A 206 -7.37 24.66 5.53
N TYR A 207 -7.15 24.24 4.29
CA TYR A 207 -6.14 23.20 4.04
C TYR A 207 -4.74 23.82 4.01
N THR A 208 -4.15 24.02 5.19
CA THR A 208 -2.79 24.60 5.22
C THR A 208 -1.87 23.51 5.75
N LEU A 209 -0.56 23.63 5.49
CA LEU A 209 0.38 22.64 5.99
C LEU A 209 0.33 22.54 7.52
N GLU A 210 0.21 23.69 8.17
CA GLU A 210 0.19 23.71 9.62
C GLU A 210 -1.05 23.08 10.24
N PHE A 211 -2.17 23.16 9.55
CA PHE A 211 -3.40 22.52 10.04
C PHE A 211 -3.22 21.03 9.86
N LEU A 212 -2.73 20.62 8.70
CA LEU A 212 -2.50 19.19 8.41
C LEU A 212 -1.54 18.56 9.41
N LYS A 213 -0.49 19.29 9.81
CA LYS A 213 0.48 18.79 10.78
C LYS A 213 -0.16 18.59 12.14
N GLU A 214 -1.07 19.49 12.50
CA GLU A 214 -1.77 19.42 13.77
C GLU A 214 -2.75 18.26 13.86
N VAL A 215 -3.51 18.04 12.80
CA VAL A 215 -4.49 16.95 12.73
C VAL A 215 -3.72 15.66 12.88
N TRP A 216 -2.53 15.62 12.25
CA TRP A 216 -1.65 14.44 12.32
C TRP A 216 -1.12 14.25 13.73
N LEU A 217 -0.74 15.35 14.39
CA LEU A 217 -0.20 15.28 15.76
C LEU A 217 -1.27 14.73 16.69
N GLN A 218 -2.52 15.14 16.44
CA GLN A 218 -3.67 14.72 17.24
C GLN A 218 -4.26 13.33 17.04
N LYS A 219 -3.91 12.67 15.93
CA LYS A 219 -4.39 11.31 15.67
C LYS A 219 -3.66 10.33 16.59
N GLN A 220 -2.47 10.77 17.02
CA GLN A 220 -1.53 10.05 17.88
C GLN A 220 -1.89 9.83 19.34
N MET B 1 -5.39 -10.33 -10.70
CA MET B 1 -4.26 -11.28 -10.45
C MET B 1 -3.04 -10.61 -9.81
N PHE B 2 -2.49 -11.26 -8.77
CA PHE B 2 -1.31 -10.77 -8.03
C PHE B 2 -0.13 -10.55 -8.96
N LYS B 3 0.59 -9.45 -8.72
CA LYS B 3 1.72 -9.07 -9.55
C LYS B 3 3.08 -9.37 -8.94
N ALA B 4 3.10 -9.67 -7.64
CA ALA B 4 4.36 -9.96 -6.95
C ALA B 4 4.22 -10.98 -5.83
N VAL B 5 5.31 -11.67 -5.49
CA VAL B 5 5.31 -12.62 -4.36
C VAL B 5 6.50 -12.16 -3.57
N LEU B 6 6.23 -11.90 -2.29
CA LEU B 6 7.22 -11.36 -1.37
C LEU B 6 7.61 -12.48 -0.41
N PHE B 7 8.86 -12.92 -0.56
CA PHE B 7 9.40 -14.03 0.24
C PHE B 7 10.20 -13.64 1.45
N ASP B 8 9.94 -14.29 2.58
CA ASP B 8 10.91 -14.12 3.67
C ASP B 8 11.97 -15.18 3.24
N LEU B 9 13.14 -15.16 3.88
CA LEU B 9 14.17 -16.16 3.59
C LEU B 9 14.00 -17.35 4.54
N ASP B 10 14.24 -17.13 5.84
CA ASP B 10 14.13 -18.19 6.83
C ASP B 10 12.75 -18.83 6.97
N GLY B 11 12.72 -20.16 6.87
CA GLY B 11 11.48 -20.92 6.96
C GLY B 11 10.73 -21.01 5.65
N VAL B 12 11.20 -20.27 4.63
CA VAL B 12 10.54 -20.28 3.33
C VAL B 12 11.46 -20.79 2.23
N ILE B 13 12.56 -20.08 2.01
CA ILE B 13 13.50 -20.48 0.96
C ILE B 13 14.42 -21.60 1.46
N THR B 14 14.86 -21.44 2.71
CA THR B 14 15.68 -22.40 3.46
C THR B 14 15.48 -21.98 4.90
N ASP B 15 16.17 -22.62 5.86
CA ASP B 15 16.04 -22.20 7.23
C ASP B 15 17.42 -22.13 7.88
N THR B 16 17.75 -20.95 8.40
CA THR B 16 18.99 -20.71 9.10
C THR B 16 18.67 -20.06 10.45
N ALA B 17 17.38 -19.95 10.79
CA ALA B 17 16.95 -19.34 12.06
C ALA B 17 17.46 -19.98 13.36
N GLU B 18 17.77 -21.28 13.29
CA GLU B 18 18.31 -22.00 14.45
C GLU B 18 19.75 -21.52 14.69
N TYR B 19 20.50 -21.35 13.59
CA TYR B 19 21.87 -20.86 13.64
C TYR B 19 21.91 -19.46 14.23
N HIS B 20 20.88 -18.65 13.92
CA HIS B 20 20.78 -17.30 14.45
C HIS B 20 20.51 -17.32 15.94
N PHE B 21 19.57 -18.19 16.36
CA PHE B 21 19.24 -18.32 17.78
C PHE B 21 20.47 -18.80 18.59
N ARG B 22 21.20 -19.78 18.05
CA ARG B 22 22.40 -20.32 18.73
C ARG B 22 23.47 -19.26 18.91
N ALA B 23 23.66 -18.49 17.83
CA ALA B 23 24.64 -17.41 17.78
C ALA B 23 24.29 -16.29 18.76
N TRP B 24 23.03 -15.89 18.80
CA TRP B 24 22.56 -14.88 19.73
C TRP B 24 22.66 -15.28 21.20
N LYS B 25 22.33 -16.54 21.46
CA LYS B 25 22.38 -17.12 22.80
C LYS B 25 23.83 -17.21 23.25
N ALA B 26 24.71 -17.67 22.36
CA ALA B 26 26.14 -17.80 22.64
C ALA B 26 26.74 -16.43 22.95
N LEU B 27 26.25 -15.41 22.23
CA LEU B 27 26.71 -14.02 22.38
C LEU B 27 26.24 -13.45 23.69
N ALA B 28 24.94 -13.61 23.96
CA ALA B 28 24.35 -13.13 25.21
C ALA B 28 24.96 -13.84 26.43
N GLU B 29 25.35 -15.10 26.25
CA GLU B 29 25.95 -15.84 27.36
C GLU B 29 27.38 -15.44 27.63
N GLU B 30 28.17 -15.19 26.56
CA GLU B 30 29.56 -14.78 26.73
C GLU B 30 29.71 -13.36 27.26
N ILE B 31 28.60 -12.60 27.24
CA ILE B 31 28.59 -11.24 27.79
C ILE B 31 27.75 -11.13 29.08
N GLY B 32 27.45 -12.28 29.68
CA GLY B 32 26.71 -12.30 30.95
C GLY B 32 25.20 -12.14 31.03
N ILE B 33 24.50 -12.19 29.91
CA ILE B 33 23.04 -12.06 29.94
C ILE B 33 22.52 -13.49 29.73
N ASN B 34 21.73 -13.95 30.69
CA ASN B 34 21.28 -15.34 30.67
C ASN B 34 19.83 -15.71 30.30
N GLY B 35 18.99 -14.70 30.04
CA GLY B 35 17.59 -14.95 29.70
C GLY B 35 17.23 -15.23 28.24
N VAL B 36 18.21 -15.53 27.39
CA VAL B 36 17.91 -15.79 25.97
C VAL B 36 17.67 -17.27 25.69
N ASP B 37 16.43 -17.70 25.90
CA ASP B 37 16.05 -19.09 25.68
C ASP B 37 15.12 -19.21 24.47
N ARG B 38 14.65 -20.42 24.16
CA ARG B 38 13.76 -20.65 23.01
C ARG B 38 12.47 -19.87 23.10
N GLN B 39 11.96 -19.71 24.32
CA GLN B 39 10.72 -18.98 24.56
C GLN B 39 10.89 -17.50 24.30
N PHE B 40 12.07 -16.96 24.68
CA PHE B 40 12.39 -15.56 24.45
C PHE B 40 12.68 -15.34 22.95
N ASN B 41 13.20 -16.35 22.27
CA ASN B 41 13.51 -16.27 20.83
C ASN B 41 12.30 -15.99 19.92
N GLU B 42 11.09 -16.20 20.44
CA GLU B 42 9.87 -15.95 19.70
C GLU B 42 9.71 -14.42 19.51
N GLN B 43 10.36 -13.66 20.38
CA GLN B 43 10.37 -12.20 20.28
C GLN B 43 11.52 -11.74 19.36
N LEU B 44 12.40 -12.67 19.01
CA LEU B 44 13.53 -12.40 18.14
C LEU B 44 13.35 -12.94 16.72
N LYS B 45 12.35 -13.82 16.53
CA LYS B 45 12.10 -14.44 15.22
C LYS B 45 11.86 -13.44 14.08
N GLY B 46 12.77 -13.49 13.09
CA GLY B 46 12.71 -12.63 11.91
C GLY B 46 13.01 -11.15 12.12
N VAL B 47 13.42 -10.78 13.33
CA VAL B 47 13.75 -9.39 13.72
C VAL B 47 15.20 -9.06 13.27
N SER B 48 15.47 -7.80 12.84
CA SER B 48 16.80 -7.41 12.34
C SER B 48 18.00 -7.60 13.31
N ARG B 49 19.23 -7.56 12.79
CA ARG B 49 20.44 -7.73 13.60
C ARG B 49 20.54 -6.77 14.73
N GLU B 50 20.29 -5.50 14.40
CA GLU B 50 20.34 -4.41 15.38
C GLU B 50 19.21 -4.43 16.37
N ASP B 51 17.99 -4.72 15.90
CA ASP B 51 16.85 -4.77 16.79
C ASP B 51 16.90 -6.03 17.72
N SER B 52 17.54 -7.10 17.23
CA SER B 52 17.69 -8.33 18.03
C SER B 52 18.74 -8.14 19.15
N LEU B 53 19.88 -7.52 18.82
CA LEU B 53 20.96 -7.24 19.80
C LEU B 53 20.42 -6.31 20.87
N GLN B 54 19.51 -5.44 20.44
CA GLN B 54 18.89 -4.49 21.34
C GLN B 54 17.89 -5.13 22.29
N LYS B 55 17.10 -6.10 21.81
CA LYS B 55 16.14 -6.77 22.69
C LYS B 55 16.87 -7.63 23.74
N ILE B 56 18.00 -8.21 23.33
CA ILE B 56 18.86 -9.04 24.21
C ILE B 56 19.48 -8.15 25.28
N LEU B 57 20.01 -7.00 24.87
CA LEU B 57 20.64 -6.01 25.76
C LEU B 57 19.68 -5.47 26.83
N ASP B 58 18.41 -5.33 26.42
CA ASP B 58 17.31 -4.82 27.24
C ASP B 58 16.83 -5.65 28.43
N LEU B 59 16.75 -6.98 28.33
CA LEU B 59 16.29 -7.71 29.51
C LEU B 59 17.39 -8.18 30.47
N ALA B 60 18.31 -7.25 30.68
CA ALA B 60 19.46 -7.38 31.56
C ALA B 60 19.85 -5.93 31.84
N ASP B 61 19.18 -5.04 31.10
CA ASP B 61 19.34 -3.58 31.14
C ASP B 61 20.78 -3.12 30.92
N LYS B 62 21.55 -3.95 30.22
CA LYS B 62 22.95 -3.65 29.93
C LYS B 62 23.04 -2.58 28.85
N GLU B 67 27.12 2.66 21.94
CA GLU B 67 28.27 2.05 21.28
C GLU B 67 28.92 0.97 22.15
N GLU B 68 29.50 -0.02 21.46
CA GLU B 68 30.19 -1.25 21.92
C GLU B 68 29.38 -2.29 21.15
N PHE B 69 28.17 -1.84 20.83
CA PHE B 69 27.10 -2.47 20.10
C PHE B 69 27.54 -3.22 18.85
N LYS B 70 28.24 -2.51 17.97
CA LYS B 70 28.70 -3.02 16.68
C LYS B 70 29.68 -4.18 16.71
N GLU B 71 30.61 -4.17 17.67
CA GLU B 71 31.60 -5.24 17.82
C GLU B 71 30.95 -6.52 18.31
N LEU B 72 29.84 -6.35 19.02
CA LEU B 72 29.01 -7.48 19.52
C LEU B 72 28.24 -8.07 18.32
N ALA B 73 27.64 -7.17 17.52
CA ALA B 73 26.87 -7.56 16.33
C ALA B 73 27.76 -8.39 15.43
N LYS B 74 28.98 -7.86 15.25
CA LYS B 74 30.01 -8.47 14.39
C LYS B 74 30.47 -9.85 14.87
N ARG B 75 30.59 -9.98 16.19
CA ARG B 75 31.01 -11.25 16.80
C ARG B 75 29.95 -12.33 16.51
N LYS B 76 28.69 -11.96 16.73
CA LYS B 76 27.55 -12.84 16.46
C LYS B 76 27.54 -13.22 14.98
N ASN B 77 27.64 -12.21 14.11
CA ASN B 77 27.66 -12.43 12.67
C ASN B 77 28.82 -13.34 12.19
N ASP B 78 30.03 -13.09 12.69
CA ASP B 78 31.20 -13.92 12.29
C ASP B 78 30.93 -15.41 12.64
N ASN B 79 30.28 -15.60 13.79
CA ASN B 79 29.91 -16.92 14.29
C ASN B 79 28.87 -17.50 13.36
N TYR B 80 27.81 -16.72 13.11
CA TYR B 80 26.72 -17.08 12.21
C TYR B 80 27.22 -17.44 10.79
N VAL B 81 28.12 -16.61 10.23
CA VAL B 81 28.69 -16.82 8.88
C VAL B 81 29.45 -18.16 8.75
N LYS B 82 30.04 -18.60 9.86
CA LYS B 82 30.77 -19.87 9.90
C LYS B 82 29.79 -21.06 9.95
N MET B 83 28.62 -20.82 10.55
CA MET B 83 27.54 -21.83 10.66
C MET B 83 26.82 -22.04 9.31
N ILE B 84 26.91 -21.05 8.41
CA ILE B 84 26.27 -21.12 7.09
C ILE B 84 27.27 -21.34 5.97
N GLN B 85 28.49 -21.76 6.33
CA GLN B 85 29.56 -21.99 5.36
C GLN B 85 29.27 -23.19 4.47
N ASP B 86 28.34 -24.02 4.91
CA ASP B 86 27.93 -25.22 4.19
C ASP B 86 26.72 -25.04 3.27
N VAL B 87 26.16 -23.83 3.20
CA VAL B 87 24.97 -23.57 2.37
C VAL B 87 25.22 -23.74 0.88
N SER B 88 24.35 -24.50 0.23
CA SER B 88 24.47 -24.82 -1.20
C SER B 88 23.08 -24.89 -1.90
N PRO B 89 23.02 -25.13 -3.24
CA PRO B 89 21.67 -25.21 -3.85
C PRO B 89 20.82 -26.39 -3.32
N ALA B 90 21.44 -27.17 -2.42
CA ALA B 90 20.87 -28.33 -1.74
C ALA B 90 20.03 -27.90 -0.54
N ASP B 91 20.28 -26.70 -0.02
CA ASP B 91 19.55 -26.15 1.13
C ASP B 91 18.19 -25.58 0.78
N VAL B 92 17.92 -25.41 -0.51
CA VAL B 92 16.65 -24.85 -0.99
C VAL B 92 15.49 -25.79 -0.69
N TYR B 93 14.51 -25.27 0.07
CA TYR B 93 13.32 -26.01 0.46
C TYR B 93 12.52 -26.57 -0.71
N PRO B 94 11.92 -27.76 -0.54
CA PRO B 94 11.14 -28.35 -1.65
C PRO B 94 10.04 -27.46 -2.23
N GLY B 95 9.99 -27.44 -3.56
CA GLY B 95 9.01 -26.65 -4.30
C GLY B 95 9.36 -25.20 -4.60
N ILE B 96 10.33 -24.64 -3.87
CA ILE B 96 10.72 -23.25 -3.99
C ILE B 96 11.38 -22.89 -5.33
N LEU B 97 12.31 -23.74 -5.75
CA LEU B 97 12.99 -23.52 -7.02
C LEU B 97 11.97 -23.55 -8.16
N GLN B 98 11.02 -24.49 -8.08
CA GLN B 98 10.00 -24.60 -9.12
C GLN B 98 9.02 -23.43 -9.08
N LEU B 99 8.77 -22.91 -7.88
CA LEU B 99 7.91 -21.75 -7.71
C LEU B 99 8.56 -20.49 -8.34
N LEU B 100 9.86 -20.27 -8.05
CA LEU B 100 10.61 -19.13 -8.59
C LEU B 100 10.59 -19.15 -10.12
N LYS B 101 10.95 -20.31 -10.68
CA LYS B 101 10.96 -20.54 -12.13
C LYS B 101 9.64 -20.24 -12.84
N ASP B 102 8.54 -20.71 -12.23
CA ASP B 102 7.18 -20.52 -12.75
C ASP B 102 6.67 -19.10 -12.60
N LEU B 103 7.11 -18.40 -11.55
CA LEU B 103 6.70 -17.01 -11.31
C LEU B 103 7.40 -16.11 -12.33
N ARG B 104 8.66 -16.43 -12.60
CA ARG B 104 9.49 -15.69 -13.55
C ARG B 104 8.92 -15.84 -14.98
N SER B 105 8.69 -17.10 -15.38
CA SER B 105 8.15 -17.43 -16.70
C SER B 105 6.73 -16.88 -16.92
N ASN B 106 6.06 -16.53 -15.82
CA ASN B 106 4.71 -15.95 -15.87
C ASN B 106 4.68 -14.43 -15.60
N LYS B 107 5.87 -13.81 -15.69
CA LYS B 107 6.06 -12.36 -15.50
C LYS B 107 5.56 -11.81 -14.16
N ILE B 108 5.71 -12.62 -13.11
CA ILE B 108 5.30 -12.20 -11.77
C ILE B 108 6.58 -11.78 -11.03
N LYS B 109 6.51 -10.64 -10.35
CA LYS B 109 7.69 -10.13 -9.64
C LYS B 109 8.07 -10.92 -8.38
N ILE B 110 9.37 -11.05 -8.18
CA ILE B 110 9.92 -11.79 -7.04
C ILE B 110 10.81 -10.90 -6.15
N ALA B 111 10.38 -10.71 -4.90
CA ALA B 111 11.11 -9.87 -3.95
C ALA B 111 11.49 -10.62 -2.66
N LEU B 112 12.61 -10.25 -2.05
CA LEU B 112 12.98 -10.84 -0.76
C LEU B 112 12.61 -9.78 0.31
N ALA B 113 11.88 -10.25 1.33
CA ALA B 113 11.48 -9.41 2.44
C ALA B 113 12.08 -9.97 3.74
N SER B 114 13.40 -10.23 3.71
CA SER B 114 14.15 -10.75 4.85
C SER B 114 14.85 -9.64 5.61
N ALA B 115 14.83 -9.71 6.94
CA ALA B 115 15.51 -8.68 7.72
C ALA B 115 17.01 -8.93 7.83
N SER B 116 17.48 -10.00 7.16
CA SER B 116 18.90 -10.39 7.21
C SER B 116 19.79 -9.68 6.23
N LYS B 117 20.90 -9.09 6.70
CA LYS B 117 21.87 -8.45 5.78
C LYS B 117 22.65 -9.52 5.06
N ASN B 118 22.55 -10.74 5.58
CA ASN B 118 23.20 -11.89 4.95
C ASN B 118 22.34 -12.54 3.88
N GLY B 119 21.18 -11.92 3.61
CA GLY B 119 20.27 -12.43 2.58
C GLY B 119 20.89 -12.60 1.19
N PRO B 120 21.55 -11.56 0.63
CA PRO B 120 22.16 -11.71 -0.71
C PRO B 120 23.20 -12.85 -0.82
N PHE B 121 24.00 -12.99 0.22
CA PHE B 121 25.06 -14.00 0.36
C PHE B 121 24.44 -15.40 0.33
N LEU B 122 23.34 -15.57 1.08
CA LEU B 122 22.63 -16.85 1.13
C LEU B 122 21.99 -17.18 -0.19
N LEU B 123 21.35 -16.20 -0.84
CA LEU B 123 20.72 -16.42 -2.14
C LEU B 123 21.75 -16.77 -3.21
N GLU B 124 22.95 -16.20 -3.09
CA GLU B 124 24.06 -16.45 -4.01
C GLU B 124 24.57 -17.88 -3.81
N ARG B 125 24.78 -18.28 -2.56
CA ARG B 125 25.22 -19.63 -2.23
C ARG B 125 24.19 -20.68 -2.62
N MET B 126 22.93 -20.24 -2.79
CA MET B 126 21.86 -21.14 -3.18
C MET B 126 21.54 -21.07 -4.68
N ASN B 127 22.29 -20.23 -5.41
CA ASN B 127 22.17 -19.98 -6.85
C ASN B 127 20.79 -19.52 -7.30
N LEU B 128 20.20 -18.67 -6.45
CA LEU B 128 18.87 -18.12 -6.68
C LEU B 128 18.81 -16.61 -7.00
N THR B 129 19.97 -15.95 -6.92
CA THR B 129 20.11 -14.51 -7.17
C THR B 129 19.34 -13.97 -8.36
N GLY B 130 19.49 -14.65 -9.51
CA GLY B 130 18.84 -14.25 -10.75
C GLY B 130 17.33 -14.28 -10.81
N TYR B 131 16.73 -14.98 -9.87
CA TYR B 131 15.28 -15.10 -9.75
C TYR B 131 14.67 -13.88 -9.05
N PHE B 132 15.50 -13.18 -8.29
CA PHE B 132 15.04 -12.02 -7.52
C PHE B 132 15.08 -10.67 -8.19
N ASP B 133 13.91 -10.10 -8.36
CA ASP B 133 13.79 -8.77 -8.97
C ASP B 133 14.30 -7.68 -8.03
N ALA B 134 14.21 -7.94 -6.73
CA ALA B 134 14.69 -6.99 -5.73
C ALA B 134 14.79 -7.63 -4.36
N ILE B 135 15.75 -7.13 -3.58
CA ILE B 135 15.99 -7.57 -2.21
C ILE B 135 15.70 -6.33 -1.37
N ALA B 136 14.76 -6.42 -0.43
CA ALA B 136 14.47 -5.28 0.46
C ALA B 136 15.72 -5.09 1.31
N ASP B 137 16.20 -3.85 1.44
CA ASP B 137 17.43 -3.59 2.21
C ASP B 137 17.06 -3.30 3.68
N PRO B 138 17.55 -4.13 4.63
CA PRO B 138 17.25 -3.93 6.06
C PRO B 138 17.60 -2.53 6.57
N ALA B 139 18.68 -1.97 6.02
CA ALA B 139 19.14 -0.62 6.40
C ALA B 139 18.12 0.50 6.07
N GLU B 140 17.17 0.21 5.16
CA GLU B 140 16.14 1.18 4.75
C GLU B 140 14.77 0.94 5.42
N VAL B 141 14.74 -0.03 6.33
CA VAL B 141 13.54 -0.44 7.04
C VAL B 141 13.59 0.11 8.47
N ALA B 142 12.51 0.80 8.83
CA ALA B 142 12.37 1.42 10.13
C ALA B 142 12.04 0.51 11.33
N ALA B 143 11.02 -0.32 11.19
CA ALA B 143 10.63 -1.23 12.27
C ALA B 143 10.63 -2.69 11.81
N SER B 144 11.14 -3.58 12.66
CA SER B 144 11.17 -5.01 12.38
C SER B 144 9.77 -5.64 12.49
N LYS B 145 9.62 -6.84 11.91
CA LYS B 145 8.38 -7.62 11.96
C LYS B 145 8.02 -7.77 13.46
N PRO B 146 6.73 -7.72 13.83
CA PRO B 146 5.43 -7.56 13.15
C PRO B 146 5.10 -6.33 12.34
N ALA B 147 5.91 -5.29 12.41
CA ALA B 147 5.66 -4.08 11.62
C ALA B 147 5.74 -4.47 10.13
N PRO B 148 4.84 -3.91 9.32
CA PRO B 148 4.74 -4.15 7.87
C PRO B 148 5.83 -3.58 6.97
N ASP B 149 6.65 -2.70 7.55
CA ASP B 149 7.72 -1.96 6.87
C ASP B 149 8.49 -2.70 5.82
N ILE B 150 9.05 -3.86 6.16
CA ILE B 150 9.87 -4.61 5.21
C ILE B 150 9.10 -5.14 3.99
N PHE B 151 7.83 -5.51 4.19
CA PHE B 151 7.01 -5.99 3.07
C PHE B 151 6.61 -4.87 2.14
N ILE B 152 6.32 -3.69 2.73
CA ILE B 152 5.96 -2.47 1.99
C ILE B 152 7.17 -2.11 1.11
N ALA B 153 8.36 -2.17 1.71
CA ALA B 153 9.62 -1.87 1.01
C ALA B 153 9.90 -2.85 -0.11
N ALA B 154 9.60 -4.12 0.14
CA ALA B 154 9.84 -5.16 -0.87
C ALA B 154 8.96 -4.95 -2.09
N ALA B 155 7.69 -4.63 -1.82
CA ALA B 155 6.69 -4.40 -2.86
C ALA B 155 7.07 -3.21 -3.73
N HIS B 156 7.41 -2.10 -3.06
CA HIS B 156 7.82 -0.86 -3.71
C HIS B 156 9.03 -1.08 -4.58
N ALA B 157 9.98 -1.87 -4.06
CA ALA B 157 11.24 -2.15 -4.75
C ALA B 157 11.09 -2.89 -6.10
N VAL B 158 9.96 -3.57 -6.32
CA VAL B 158 9.69 -4.28 -7.57
C VAL B 158 8.62 -3.58 -8.41
N GLY B 159 8.13 -2.45 -7.89
CA GLY B 159 7.13 -1.64 -8.55
C GLY B 159 5.68 -2.04 -8.40
N VAL B 160 5.37 -2.78 -7.35
CA VAL B 160 4.03 -3.27 -7.10
C VAL B 160 3.53 -2.74 -5.77
N ALA B 161 2.21 -2.67 -5.64
CA ALA B 161 1.61 -2.22 -4.39
C ALA B 161 1.46 -3.47 -3.50
N PRO B 162 1.65 -3.33 -2.16
CA PRO B 162 1.52 -4.46 -1.24
C PRO B 162 0.18 -5.16 -1.39
N SER B 163 -0.89 -4.39 -1.63
CA SER B 163 -2.24 -4.97 -1.82
C SER B 163 -2.40 -5.82 -3.10
N GLU B 164 -1.41 -5.73 -4.00
CA GLU B 164 -1.43 -6.53 -5.24
C GLU B 164 -0.39 -7.68 -5.10
N SER B 165 -0.01 -7.97 -3.86
CA SER B 165 1.00 -9.01 -3.61
C SER B 165 0.61 -10.13 -2.67
N ILE B 166 1.35 -11.23 -2.77
CA ILE B 166 1.24 -12.41 -1.88
C ILE B 166 2.54 -12.42 -1.06
N GLY B 167 2.43 -12.59 0.24
CA GLY B 167 3.57 -12.70 1.11
C GLY B 167 3.69 -14.12 1.64
N LEU B 168 4.92 -14.67 1.62
CA LEU B 168 5.17 -16.03 2.15
C LEU B 168 6.01 -16.02 3.42
N GLU B 169 5.48 -16.59 4.50
CA GLU B 169 6.16 -16.60 5.81
C GLU B 169 5.88 -17.83 6.67
N ASP B 170 6.75 -18.08 7.66
CA ASP B 170 6.62 -19.22 8.58
C ASP B 170 6.41 -18.80 10.04
N SER B 171 6.47 -17.51 10.31
CA SER B 171 6.35 -17.06 11.69
C SER B 171 5.19 -16.12 11.90
N GLN B 172 4.74 -16.02 13.14
CA GLN B 172 3.62 -15.16 13.55
C GLN B 172 3.85 -13.65 13.30
N ALA B 173 5.03 -13.15 13.68
CA ALA B 173 5.38 -11.73 13.47
C ALA B 173 5.41 -11.43 11.96
N GLY B 174 5.99 -12.37 11.19
CA GLY B 174 6.07 -12.24 9.73
C GLY B 174 4.72 -12.26 9.04
N ILE B 175 3.81 -13.08 9.57
CA ILE B 175 2.47 -13.14 9.04
C ILE B 175 1.73 -11.83 9.35
N GLN B 176 1.90 -11.31 10.57
CA GLN B 176 1.26 -10.05 10.97
C GLN B 176 1.77 -8.91 10.07
N ALA B 177 3.08 -8.96 9.76
CA ALA B 177 3.71 -7.95 8.90
C ALA B 177 3.12 -7.93 7.50
N ILE B 178 2.85 -9.11 6.95
CA ILE B 178 2.24 -9.24 5.64
C ILE B 178 0.78 -8.68 5.67
N LYS B 179 0.02 -9.05 6.70
CA LYS B 179 -1.38 -8.57 6.87
C LYS B 179 -1.45 -7.04 6.88
N ASP B 180 -0.67 -6.44 7.76
CA ASP B 180 -0.65 -4.99 7.92
C ASP B 180 -0.10 -4.20 6.74
N SER B 181 0.60 -4.88 5.82
CA SER B 181 1.17 -4.21 4.64
C SER B 181 0.10 -4.11 3.59
N GLY B 182 -0.88 -5.00 3.68
CA GLY B 182 -1.96 -5.04 2.73
C GLY B 182 -1.87 -6.28 1.84
N ALA B 183 -0.69 -6.92 1.80
CA ALA B 183 -0.50 -8.13 1.01
C ALA B 183 -1.27 -9.32 1.58
N LEU B 184 -1.45 -10.35 0.75
CA LEU B 184 -2.16 -11.58 1.18
C LEU B 184 -1.18 -12.64 1.71
N PRO B 185 -1.30 -13.04 3.00
CA PRO B 185 -0.37 -14.05 3.52
C PRO B 185 -0.73 -15.48 3.32
N ILE B 186 0.26 -16.30 2.97
CA ILE B 186 0.07 -17.75 2.88
C ILE B 186 1.18 -18.26 3.78
N GLY B 187 0.81 -18.76 4.95
CA GLY B 187 1.80 -19.25 5.88
C GLY B 187 2.19 -20.68 5.67
N VAL B 188 3.35 -21.02 6.18
CA VAL B 188 3.84 -22.38 6.12
C VAL B 188 4.16 -22.80 7.55
N GLY B 189 3.45 -23.86 7.98
CA GLY B 189 3.60 -24.38 9.33
C GLY B 189 2.27 -24.90 9.85
N ARG B 190 1.98 -24.70 11.13
CA ARG B 190 0.74 -25.19 11.75
C ARG B 190 -0.16 -24.04 12.22
N PRO B 191 -1.51 -24.21 12.17
CA PRO B 191 -2.45 -23.15 12.61
C PRO B 191 -2.31 -22.80 14.09
N GLU B 192 -1.78 -23.74 14.88
CA GLU B 192 -1.58 -23.55 16.32
C GLU B 192 -0.52 -22.48 16.60
N ASP B 193 0.37 -22.32 15.63
CA ASP B 193 1.45 -21.36 15.71
C ASP B 193 1.16 -20.09 14.91
N LEU B 194 0.47 -20.25 13.79
CA LEU B 194 0.20 -19.13 12.86
C LEU B 194 -1.20 -18.53 12.76
N GLY B 195 -2.14 -19.04 13.54
CA GLY B 195 -3.50 -18.52 13.50
C GLY B 195 -4.42 -19.35 12.64
N ASP B 196 -5.72 -19.28 12.94
CA ASP B 196 -6.76 -20.05 12.24
C ASP B 196 -7.46 -19.30 11.12
N ASP B 197 -7.14 -18.01 10.97
CA ASP B 197 -7.76 -17.13 9.98
C ASP B 197 -7.24 -17.12 8.55
N ILE B 198 -5.95 -17.39 8.34
CA ILE B 198 -5.39 -17.36 6.98
C ILE B 198 -5.11 -18.73 6.36
N VAL B 199 -4.76 -18.73 5.08
CA VAL B 199 -4.42 -19.98 4.36
C VAL B 199 -3.04 -20.46 4.85
N ILE B 200 -2.99 -21.70 5.29
CA ILE B 200 -1.76 -22.30 5.80
C ILE B 200 -1.46 -23.61 5.07
N VAL B 201 -0.19 -23.78 4.69
CA VAL B 201 0.27 -25.02 4.04
C VAL B 201 1.20 -25.74 5.06
N PRO B 202 1.17 -27.09 5.13
CA PRO B 202 2.05 -27.79 6.08
C PRO B 202 3.56 -27.64 5.87
N ASP B 203 3.99 -27.59 4.61
CA ASP B 203 5.39 -27.44 4.20
C ASP B 203 5.44 -26.70 2.87
N THR B 204 6.65 -26.38 2.39
CA THR B 204 6.84 -25.60 1.15
C THR B 204 6.54 -26.26 -0.20
N SER B 205 6.44 -27.60 -0.25
CA SER B 205 6.09 -28.32 -1.48
C SER B 205 4.67 -27.89 -1.94
N HIS B 206 3.88 -27.41 -1.00
CA HIS B 206 2.55 -26.91 -1.29
C HIS B 206 2.52 -25.51 -1.91
N TYR B 207 3.66 -24.79 -1.86
CA TYR B 207 3.77 -23.48 -2.49
C TYR B 207 4.01 -23.65 -4.00
N THR B 208 2.92 -23.77 -4.75
CA THR B 208 2.97 -23.92 -6.22
C THR B 208 2.28 -22.71 -6.85
N LEU B 209 2.62 -22.41 -8.11
CA LEU B 209 2.00 -21.28 -8.80
C LEU B 209 0.51 -21.54 -8.91
N GLU B 210 0.16 -22.82 -9.13
CA GLU B 210 -1.23 -23.26 -9.25
C GLU B 210 -2.00 -22.95 -8.00
N PHE B 211 -1.44 -23.31 -6.83
CA PHE B 211 -2.11 -23.08 -5.54
C PHE B 211 -2.24 -21.59 -5.21
N LEU B 212 -1.19 -20.83 -5.48
CA LEU B 212 -1.20 -19.39 -5.21
C LEU B 212 -2.26 -18.64 -6.03
N LYS B 213 -2.49 -19.11 -7.27
CA LYS B 213 -3.50 -18.54 -8.17
C LYS B 213 -4.88 -18.82 -7.60
N GLU B 214 -5.03 -20.04 -7.12
CA GLU B 214 -6.26 -20.57 -6.53
C GLU B 214 -6.59 -19.81 -5.22
N VAL B 215 -5.55 -19.52 -4.42
CA VAL B 215 -5.75 -18.79 -3.16
C VAL B 215 -6.10 -17.32 -3.44
N TRP B 216 -5.47 -16.73 -4.46
CA TRP B 216 -5.68 -15.31 -4.82
C TRP B 216 -7.11 -15.07 -5.30
N LEU B 217 -7.66 -16.02 -6.06
CA LEU B 217 -9.03 -15.91 -6.57
C LEU B 217 -10.09 -16.07 -5.48
N GLN B 218 -9.72 -16.82 -4.44
CA GLN B 218 -10.58 -17.12 -3.29
C GLN B 218 -10.78 -15.91 -2.34
N LYS B 219 -9.88 -14.92 -2.41
CA LYS B 219 -9.94 -13.65 -1.65
C LYS B 219 -8.88 -12.61 -2.05
MG MG C . -14.25 14.99 -5.46
C1 GL1 D . -15.49 10.57 -13.37
C2 GL1 D . -16.99 10.83 -13.37
C3 GL1 D . -17.31 12.20 -12.78
C4 GL1 D . -16.69 12.33 -11.32
C5 GL1 D . -15.18 12.01 -11.42
C6 GL1 D . -14.53 11.98 -10.00
O1 GL1 D . -14.79 11.56 -14.12
O2 GL1 D . -17.52 10.72 -14.73
O3 GL1 D . -18.72 12.40 -12.75
O4 GL1 D . -17.43 11.47 -10.40
O5 GL1 D . -14.99 10.70 -12.01
O6 GL1 D . -14.76 13.23 -9.46
P GL1 D . -14.37 11.33 -15.69
O1P GL1 D . -13.54 12.55 -16.22
O2P GL1 D . -13.52 10.04 -15.67
O3P GL1 D . -15.64 11.10 -16.59
MG MG E . 10.45 -16.62 8.24
C1 GL1 F . 19.08 -10.73 11.13
C2 GL1 F . 19.08 -11.21 12.59
C3 GL1 F . 18.73 -12.69 12.65
C4 GL1 F . 17.33 -12.98 11.97
C5 GL1 F . 17.38 -12.41 10.53
C6 GL1 F . 15.99 -12.58 9.87
O1 GL1 F . 20.04 -11.45 10.39
O2 GL1 F . 20.40 -10.96 13.20
O3 GL1 F . 18.73 -13.15 13.98
O4 GL1 F . 16.23 -12.46 12.77
O5 GL1 F . 17.77 -11.00 10.56
O6 GL1 F . 16.17 -12.31 8.50
P GL1 F . 21.46 -10.77 10.02
O1P GL1 F . 22.41 -10.68 11.31
O2P GL1 F . 22.01 -11.74 8.93
O3P GL1 F . 21.30 -9.31 9.39
#